data_8V8O
#
_entry.id   8V8O
#
_cell.length_a   100.171
_cell.length_b   100.171
_cell.length_c   118.930
_cell.angle_alpha   90.00
_cell.angle_beta   90.00
_cell.angle_gamma   90.00
#
_symmetry.space_group_name_H-M   'P 43 21 2'
#
_entity_poly.entity_id   1
_entity_poly.type   'polypeptide(L)'
_entity_poly.pdbx_seq_one_letter_code
;MGSETETVTVEGIPFPAEITFTAGGNPAVSLVGNGITDIEIHFLQIKYNAIGIYLHSNDVLLDHLHGWKGKSADELLGDD
SFFQALVAAPVEKLFRVVVIKEIKGSQYGVQLESSVRDRLVAADKYDDDEEEALEKITDFFQAKYFKPGSVITFHFPATS
AAGAVEISFATEGKDAAKMKVENENVARMIQKWYLGGDSAVSPTTVRSMADRFAALLSAASEF
;
_entity_poly.pdbx_strand_id   A,B
#
# COMPACT_ATOMS: atom_id res chain seq x y z
N THR A 7 30.91 0.55 -1.11
CA THR A 7 29.92 -0.47 -1.46
C THR A 7 28.75 -0.45 -0.48
N VAL A 8 27.55 -0.73 -0.99
CA VAL A 8 26.32 -0.75 -0.20
C VAL A 8 25.49 -1.93 -0.66
N THR A 9 24.95 -2.68 0.31
CA THR A 9 24.16 -3.87 0.03
C THR A 9 22.67 -3.60 0.19
N VAL A 10 21.89 -4.07 -0.77
CA VAL A 10 20.43 -3.97 -0.73
C VAL A 10 19.90 -5.39 -0.93
N GLU A 11 19.27 -5.94 0.11
CA GLU A 11 18.79 -7.32 0.11
C GLU A 11 19.93 -8.28 -0.21
N GLY A 12 21.10 -8.01 0.35
CA GLY A 12 22.28 -8.80 0.08
C GLY A 12 22.92 -8.57 -1.26
N ILE A 13 22.36 -7.69 -2.10
CA ILE A 13 22.91 -7.40 -3.41
C ILE A 13 23.83 -6.20 -3.29
N PRO A 14 25.13 -6.34 -3.57
CA PRO A 14 26.04 -5.20 -3.46
C PRO A 14 25.78 -4.16 -4.53
N PHE A 15 25.92 -2.89 -4.14
CA PHE A 15 25.78 -1.76 -5.05
C PHE A 15 27.00 -0.87 -4.89
N PRO A 16 27.68 -0.52 -5.98
CA PRO A 16 28.87 0.34 -5.86
C PRO A 16 28.49 1.74 -5.41
N ALA A 17 29.39 2.35 -4.64
CA ALA A 17 29.17 3.72 -4.21
C ALA A 17 29.27 4.70 -5.37
N GLU A 18 30.07 4.37 -6.38
CA GLU A 18 30.23 5.21 -7.56
C GLU A 18 30.49 4.31 -8.77
N ILE A 19 29.72 4.53 -9.84
CA ILE A 19 29.92 3.77 -11.06
C ILE A 19 30.66 4.65 -12.05
N THR A 20 31.98 4.72 -11.91
CA THR A 20 32.81 5.52 -12.80
C THR A 20 33.00 4.78 -14.12
N PHE A 21 33.94 5.26 -14.94
CA PHE A 21 34.30 4.63 -16.21
C PHE A 21 33.16 4.69 -17.23
N THR A 22 31.99 5.18 -16.81
CA THR A 22 30.84 5.27 -17.69
C THR A 22 31.06 6.31 -18.80
N PRO A 27 33.31 10.39 -16.36
CA PRO A 27 32.17 10.70 -15.50
C PRO A 27 32.45 10.44 -14.03
N ALA A 28 31.40 10.44 -13.21
CA ALA A 28 31.51 10.17 -11.78
C ALA A 28 30.13 10.10 -11.15
N VAL A 29 29.25 9.26 -11.68
CA VAL A 29 27.90 9.13 -11.13
C VAL A 29 27.99 8.51 -9.75
N SER A 30 27.28 9.10 -8.79
CA SER A 30 27.31 8.67 -7.40
C SER A 30 25.93 8.19 -6.98
N LEU A 31 25.92 7.18 -6.11
CA LEU A 31 24.66 6.61 -5.63
C LEU A 31 23.95 7.61 -4.73
N VAL A 32 22.73 7.98 -5.10
CA VAL A 32 21.93 8.90 -4.30
C VAL A 32 20.67 8.25 -3.74
N GLY A 33 20.17 7.17 -4.36
CA GLY A 33 18.99 6.50 -3.85
C GLY A 33 19.07 4.99 -4.01
N ASN A 34 18.62 4.26 -3.00
CA ASN A 34 18.59 2.81 -3.02
C ASN A 34 17.22 2.32 -2.57
N GLY A 35 16.78 1.21 -3.15
CA GLY A 35 15.48 0.66 -2.81
C GLY A 35 15.19 -0.59 -3.60
N ILE A 36 13.95 -1.06 -3.46
CA ILE A 36 13.50 -2.29 -4.09
C ILE A 36 12.15 -2.05 -4.74
N THR A 37 11.85 -2.84 -5.78
CA THR A 37 10.52 -2.91 -6.37
C THR A 37 9.80 -4.08 -5.73
N ASP A 38 8.66 -3.81 -5.10
CA ASP A 38 7.94 -4.85 -4.36
C ASP A 38 6.44 -4.73 -4.64
N ILE A 39 5.69 -5.67 -4.08
CA ILE A 39 4.24 -5.68 -4.15
C ILE A 39 3.74 -6.56 -3.03
N GLU A 40 2.51 -6.33 -2.59
CA GLU A 40 1.88 -7.15 -1.56
C GLU A 40 0.65 -7.81 -2.16
N ILE A 41 0.72 -9.12 -2.34
CA ILE A 41 -0.40 -9.92 -2.81
C ILE A 41 -0.79 -10.88 -1.69
N HIS A 42 -1.99 -10.68 -1.14
CA HIS A 42 -2.50 -11.48 -0.04
C HIS A 42 -1.54 -11.49 1.15
N PHE A 43 -1.18 -10.29 1.61
CA PHE A 43 -0.37 -10.07 2.80
C PHE A 43 1.04 -10.63 2.65
N LEU A 44 1.51 -10.84 1.42
CA LEU A 44 2.82 -11.42 1.16
C LEU A 44 3.65 -10.46 0.32
N GLN A 45 4.84 -10.12 0.81
CA GLN A 45 5.73 -9.24 0.08
C GLN A 45 6.46 -10.01 -1.00
N ILE A 46 6.47 -9.45 -2.21
CA ILE A 46 7.15 -10.03 -3.36
C ILE A 46 8.20 -9.02 -3.78
N LYS A 47 9.45 -9.28 -3.43
CA LYS A 47 10.55 -8.38 -3.78
C LYS A 47 11.06 -8.76 -5.17
N TYR A 48 10.76 -7.90 -6.15
CA TYR A 48 11.09 -8.15 -7.55
C TYR A 48 12.51 -7.73 -7.89
N ASN A 49 12.86 -6.48 -7.61
CA ASN A 49 14.09 -5.87 -8.09
C ASN A 49 14.87 -5.29 -6.93
N ALA A 50 16.05 -4.75 -7.25
CA ALA A 50 16.82 -3.90 -6.36
C ALA A 50 17.35 -2.74 -7.19
N ILE A 51 17.00 -1.51 -6.81
CA ILE A 51 17.26 -0.34 -7.63
C ILE A 51 18.32 0.52 -6.97
N GLY A 52 19.22 1.06 -7.79
CA GLY A 52 20.18 2.06 -7.35
C GLY A 52 20.23 3.22 -8.32
N ILE A 53 19.96 4.43 -7.84
CA ILE A 53 19.93 5.62 -8.67
C ILE A 53 21.26 6.33 -8.54
N TYR A 54 21.95 6.51 -9.67
CA TYR A 54 23.25 7.16 -9.71
C TYR A 54 23.14 8.50 -10.43
N LEU A 55 23.85 9.50 -9.90
CA LEU A 55 23.79 10.85 -10.42
C LEU A 55 25.16 11.49 -10.31
N HIS A 56 25.46 12.39 -11.24
CA HIS A 56 26.70 13.16 -11.20
C HIS A 56 26.47 14.43 -10.37
N SER A 57 27.30 14.64 -9.36
CA SER A 57 27.09 15.72 -8.40
C SER A 57 27.86 16.98 -8.81
N ASN A 58 27.50 17.52 -9.97
CA ASN A 58 28.05 18.79 -10.41
C ASN A 58 27.21 19.94 -9.85
N ASP A 59 27.76 21.15 -9.94
CA ASP A 59 27.05 22.33 -9.46
C ASP A 59 25.78 22.60 -10.26
N VAL A 60 25.66 22.02 -11.46
CA VAL A 60 24.42 22.16 -12.21
C VAL A 60 23.25 21.55 -11.44
N LEU A 61 23.48 20.41 -10.80
CA LEU A 61 22.45 19.80 -9.97
C LEU A 61 22.11 20.69 -8.77
N LEU A 62 23.12 21.11 -8.02
CA LEU A 62 22.88 21.97 -6.86
C LEU A 62 22.31 23.33 -7.26
N ASP A 63 22.38 23.70 -8.54
CA ASP A 63 21.74 24.92 -8.99
C ASP A 63 20.27 24.68 -9.32
N HIS A 64 19.98 23.63 -10.09
CA HIS A 64 18.59 23.31 -10.43
C HIS A 64 17.79 22.86 -9.22
N LEU A 65 18.45 22.50 -8.13
CA LEU A 65 17.78 22.09 -6.91
C LEU A 65 18.00 23.08 -5.76
N HIS A 66 18.50 24.28 -6.07
CA HIS A 66 18.78 25.25 -5.00
C HIS A 66 17.50 25.80 -4.38
N GLY A 67 16.42 25.86 -5.16
CA GLY A 67 15.15 26.31 -4.64
C GLY A 67 14.56 25.41 -3.57
N TRP A 68 15.14 24.23 -3.36
CA TRP A 68 14.71 23.28 -2.34
C TRP A 68 15.77 23.12 -1.24
N LYS A 69 16.65 24.11 -1.07
CA LYS A 69 17.72 24.02 -0.09
C LYS A 69 17.17 24.29 1.31
N GLY A 70 17.70 23.56 2.29
CA GLY A 70 17.26 23.70 3.66
C GLY A 70 16.03 22.90 4.03
N LYS A 71 15.37 22.27 3.07
CA LYS A 71 14.18 21.48 3.35
C LYS A 71 14.56 20.12 3.94
N SER A 72 13.57 19.46 4.54
CA SER A 72 13.75 18.16 5.14
C SER A 72 13.38 17.06 4.15
N ALA A 73 13.72 15.82 4.53
CA ALA A 73 13.37 14.68 3.69
C ALA A 73 11.86 14.52 3.61
N ASP A 74 11.15 14.77 4.70
CA ASP A 74 9.69 14.72 4.68
C ASP A 74 9.10 15.85 3.85
N GLU A 75 9.83 16.97 3.72
CA GLU A 75 9.37 18.07 2.88
C GLU A 75 9.65 17.80 1.40
N LEU A 76 10.82 17.22 1.09
CA LEU A 76 11.09 16.84 -0.29
C LEU A 76 10.18 15.71 -0.75
N LEU A 77 9.80 14.80 0.15
CA LEU A 77 8.98 13.67 -0.23
C LEU A 77 7.59 14.12 -0.68
N GLY A 78 6.95 14.99 0.11
CA GLY A 78 5.66 15.52 -0.27
C GLY A 78 5.69 16.49 -1.43
N ASP A 79 6.86 16.99 -1.79
CA ASP A 79 7.00 17.95 -2.88
C ASP A 79 7.31 17.19 -4.16
N ASP A 80 6.25 16.80 -4.87
CA ASP A 80 6.43 16.08 -6.13
C ASP A 80 7.06 16.95 -7.21
N SER A 81 7.16 18.27 -7.00
CA SER A 81 7.86 19.14 -7.94
C SER A 81 9.37 19.04 -7.80
N PHE A 82 9.86 18.72 -6.59
CA PHE A 82 11.29 18.53 -6.41
C PHE A 82 11.81 17.36 -7.23
N PHE A 83 11.01 16.30 -7.35
CA PHE A 83 11.41 15.15 -8.13
C PHE A 83 11.24 15.39 -9.63
N GLN A 84 10.31 16.26 -10.02
CA GLN A 84 10.22 16.66 -11.43
C GLN A 84 11.41 17.52 -11.82
N ALA A 85 11.81 18.45 -10.94
CA ALA A 85 13.04 19.20 -11.18
C ALA A 85 14.26 18.28 -11.20
N LEU A 86 14.23 17.21 -10.41
CA LEU A 86 15.33 16.25 -10.44
C LEU A 86 15.36 15.49 -11.75
N VAL A 87 14.19 15.15 -12.29
CA VAL A 87 14.13 14.51 -13.61
C VAL A 87 14.65 15.46 -14.67
N ALA A 88 14.29 16.73 -14.59
CA ALA A 88 14.65 17.74 -15.58
C ALA A 88 16.05 18.33 -15.33
N ALA A 89 16.94 17.60 -14.66
CA ALA A 89 18.30 18.11 -14.47
C ALA A 89 19.20 17.64 -15.60
N PRO A 90 19.99 18.53 -16.20
CA PRO A 90 20.90 18.10 -17.28
C PRO A 90 22.19 17.50 -16.74
N VAL A 91 22.07 16.28 -16.22
CA VAL A 91 23.17 15.60 -15.52
C VAL A 91 23.14 14.13 -15.91
N GLU A 92 24.32 13.53 -16.04
CA GLU A 92 24.40 12.10 -16.33
C GLU A 92 23.71 11.29 -15.23
N LYS A 93 22.77 10.44 -15.62
CA LYS A 93 22.02 9.60 -14.70
C LYS A 93 22.24 8.14 -15.02
N LEU A 94 22.09 7.29 -14.00
CA LEU A 94 22.23 5.85 -14.19
C LEU A 94 21.28 5.13 -13.25
N PHE A 95 20.47 4.23 -13.82
CA PHE A 95 19.55 3.39 -13.07
C PHE A 95 20.07 1.95 -13.13
N ARG A 96 20.34 1.36 -11.97
CA ARG A 96 20.84 0.00 -11.88
C ARG A 96 19.79 -0.87 -11.20
N VAL A 97 19.11 -1.70 -11.98
CA VAL A 97 18.05 -2.57 -11.48
C VAL A 97 18.55 -4.01 -11.54
N VAL A 98 18.68 -4.63 -10.37
CA VAL A 98 19.13 -6.01 -10.25
C VAL A 98 17.93 -6.89 -9.98
N VAL A 99 17.78 -7.95 -10.77
CA VAL A 99 16.63 -8.84 -10.66
C VAL A 99 16.81 -9.73 -9.44
N ILE A 100 15.75 -9.85 -8.64
CA ILE A 100 15.71 -10.72 -7.46
C ILE A 100 14.87 -11.95 -7.71
N LYS A 101 13.68 -11.77 -8.30
CA LYS A 101 12.74 -12.85 -8.55
C LYS A 101 12.75 -13.20 -10.03
N GLU A 102 12.82 -14.50 -10.33
CA GLU A 102 12.78 -14.96 -11.71
C GLU A 102 11.47 -14.55 -12.37
N ILE A 103 11.57 -13.77 -13.44
CA ILE A 103 10.40 -13.35 -14.22
C ILE A 103 10.78 -13.38 -15.69
N LYS A 104 9.77 -13.59 -16.54
CA LYS A 104 9.97 -13.42 -17.97
C LYS A 104 10.27 -11.96 -18.27
N GLY A 105 11.26 -11.73 -19.15
CA GLY A 105 11.59 -10.38 -19.56
C GLY A 105 10.43 -9.61 -20.14
N SER A 106 9.44 -10.32 -20.69
CA SER A 106 8.26 -9.66 -21.24
C SER A 106 7.38 -9.07 -20.14
N GLN A 107 7.30 -9.73 -18.98
CA GLN A 107 6.49 -9.21 -17.88
C GLN A 107 6.97 -7.83 -17.46
N TYR A 108 8.28 -7.64 -17.38
CA TYR A 108 8.82 -6.30 -17.13
C TYR A 108 8.61 -5.39 -18.33
N GLY A 109 8.53 -5.97 -19.53
CA GLY A 109 8.32 -5.15 -20.72
C GLY A 109 6.94 -4.54 -20.78
N VAL A 110 5.91 -5.37 -20.55
CA VAL A 110 4.54 -4.85 -20.53
C VAL A 110 4.31 -3.89 -19.38
N GLN A 111 5.12 -3.98 -18.32
CA GLN A 111 5.00 -3.02 -17.22
C GLN A 111 5.70 -1.72 -17.56
N LEU A 112 6.83 -1.79 -18.28
CA LEU A 112 7.49 -0.56 -18.72
C LEU A 112 6.65 0.18 -19.76
N GLU A 113 6.06 -0.56 -20.71
CA GLU A 113 5.23 0.08 -21.73
C GLU A 113 4.01 0.75 -21.11
N SER A 114 3.23 -0.01 -20.34
CA SER A 114 1.98 0.51 -19.80
C SER A 114 2.22 1.71 -18.90
N SER A 115 3.31 1.69 -18.13
CA SER A 115 3.60 2.83 -17.25
C SER A 115 4.02 4.05 -18.06
N VAL A 116 4.88 3.87 -19.07
CA VAL A 116 5.32 4.99 -19.88
C VAL A 116 4.19 5.49 -20.78
N ARG A 117 3.40 4.56 -21.33
CA ARG A 117 2.29 4.96 -22.18
C ARG A 117 1.27 5.81 -21.43
N ASP A 118 0.99 5.46 -20.17
CA ASP A 118 0.05 6.25 -19.39
C ASP A 118 0.60 7.65 -19.12
N ARG A 119 1.88 7.74 -18.77
CA ARG A 119 2.50 9.05 -18.57
C ARG A 119 2.58 9.83 -19.87
N LEU A 120 2.64 9.14 -21.01
CA LEU A 120 2.66 9.82 -22.30
C LEU A 120 1.29 10.34 -22.69
N VAL A 121 0.23 9.58 -22.39
CA VAL A 121 -1.12 10.01 -22.69
C VAL A 121 -1.52 11.17 -21.78
N ALA A 122 -1.01 11.19 -20.55
CA ALA A 122 -1.36 12.27 -19.62
C ALA A 122 -0.90 13.62 -20.15
N ALA A 123 0.30 13.69 -20.72
CA ALA A 123 0.83 14.93 -21.27
C ALA A 123 0.51 15.10 -22.76
N ASP A 124 -0.37 14.27 -23.31
CA ASP A 124 -0.79 14.27 -24.72
C ASP A 124 0.37 13.88 -25.64
N LYS A 125 1.54 13.56 -25.09
CA LYS A 125 2.74 13.28 -25.90
C LYS A 125 2.79 11.83 -26.34
N TYR A 126 1.72 11.32 -26.93
CA TYR A 126 1.67 9.96 -27.44
C TYR A 126 1.20 9.98 -28.89
N ASP A 127 2.13 9.76 -29.83
CA ASP A 127 1.81 9.64 -31.23
C ASP A 127 2.40 8.36 -31.80
N ASP A 128 2.99 8.43 -32.99
CA ASP A 128 3.64 7.28 -33.59
C ASP A 128 5.13 7.23 -33.34
N ASP A 129 5.80 8.37 -33.20
CA ASP A 129 7.21 8.38 -32.86
C ASP A 129 7.44 7.73 -31.49
N GLU A 130 6.56 8.02 -30.53
CA GLU A 130 6.68 7.42 -29.21
C GLU A 130 6.27 5.95 -29.22
N GLU A 131 5.32 5.59 -30.09
CA GLU A 131 4.83 4.22 -30.13
C GLU A 131 5.91 3.26 -30.58
N GLU A 132 6.63 3.61 -31.66
CA GLU A 132 7.68 2.73 -32.16
C GLU A 132 8.84 2.64 -31.16
N ALA A 133 9.25 3.76 -30.58
CA ALA A 133 10.29 3.74 -29.57
C ALA A 133 9.89 2.87 -28.38
N LEU A 134 8.58 2.80 -28.08
CA LEU A 134 8.11 1.88 -27.06
C LEU A 134 8.13 0.44 -27.57
N GLU A 135 7.86 0.24 -28.85
CA GLU A 135 7.89 -1.12 -29.41
C GLU A 135 9.31 -1.66 -29.45
N LYS A 136 10.29 -0.81 -29.76
CA LYS A 136 11.68 -1.24 -29.75
C LYS A 136 12.14 -1.65 -28.35
N ILE A 137 11.48 -1.15 -27.30
CA ILE A 137 11.85 -1.52 -25.94
C ILE A 137 11.19 -2.83 -25.53
N THR A 138 9.91 -3.01 -25.87
CA THR A 138 9.22 -4.25 -25.51
C THR A 138 9.84 -5.44 -26.22
N ASP A 139 10.19 -5.29 -27.50
CA ASP A 139 10.83 -6.38 -28.22
C ASP A 139 12.23 -6.67 -27.67
N PHE A 140 12.88 -5.68 -27.07
CA PHE A 140 14.20 -5.90 -26.50
C PHE A 140 14.14 -6.82 -25.29
N PHE A 141 13.08 -6.71 -24.48
CA PHE A 141 13.01 -7.46 -23.23
C PHE A 141 12.33 -8.81 -23.38
N GLN A 142 11.40 -8.96 -24.33
CA GLN A 142 10.69 -10.23 -24.48
C GLN A 142 11.60 -11.38 -24.91
N ALA A 143 12.82 -11.08 -25.39
CA ALA A 143 13.73 -12.13 -25.80
C ALA A 143 14.53 -12.68 -24.62
N LYS A 144 14.77 -11.86 -23.61
CA LYS A 144 15.61 -12.24 -22.48
C LYS A 144 14.77 -12.73 -21.30
N TYR A 145 15.41 -13.49 -20.43
CA TYR A 145 14.79 -14.08 -19.25
C TYR A 145 15.56 -13.62 -18.03
N PHE A 146 14.84 -13.12 -17.02
CA PHE A 146 15.46 -12.47 -15.86
C PHE A 146 15.83 -13.52 -14.83
N LYS A 147 17.11 -13.89 -14.78
CA LYS A 147 17.61 -14.77 -13.73
C LYS A 147 18.07 -13.96 -12.53
N PRO A 148 18.01 -14.53 -11.31
CA PRO A 148 18.38 -13.77 -10.12
C PRO A 148 19.83 -13.30 -10.14
N GLY A 149 20.07 -12.15 -10.75
CA GLY A 149 21.41 -11.63 -10.91
C GLY A 149 21.52 -10.72 -12.11
N SER A 150 20.57 -10.87 -13.04
CA SER A 150 20.54 -10.02 -14.22
C SER A 150 20.40 -8.55 -13.81
N VAL A 151 21.06 -7.67 -14.56
CA VAL A 151 21.12 -6.26 -14.24
C VAL A 151 20.70 -5.46 -15.46
N ILE A 152 19.53 -4.83 -15.40
CA ILE A 152 19.13 -3.84 -16.38
C ILE A 152 19.75 -2.50 -16.00
N THR A 153 20.26 -1.78 -16.99
CA THR A 153 20.95 -0.52 -16.76
C THR A 153 20.42 0.54 -17.71
N PHE A 154 19.96 1.65 -17.15
CA PHE A 154 19.50 2.80 -17.90
C PHE A 154 20.57 3.89 -17.78
N HIS A 155 21.11 4.32 -18.92
CA HIS A 155 22.13 5.37 -18.94
C HIS A 155 21.52 6.63 -19.54
N PHE A 156 21.40 7.67 -18.73
CA PHE A 156 20.88 8.97 -19.19
C PHE A 156 22.01 9.98 -19.21
N PRO A 157 22.58 10.30 -20.37
CA PRO A 157 23.64 11.32 -20.42
C PRO A 157 23.08 12.69 -20.06
N ALA A 158 24.02 13.61 -19.82
CA ALA A 158 23.65 14.94 -19.34
C ALA A 158 22.89 15.73 -20.40
N THR A 159 23.38 15.70 -21.64
CA THR A 159 22.76 16.46 -22.72
C THR A 159 22.47 15.53 -23.89
N SER A 160 21.55 15.97 -24.76
CA SER A 160 21.21 15.19 -25.94
C SER A 160 22.37 15.08 -26.92
N ALA A 161 23.37 15.96 -26.80
CA ALA A 161 24.54 15.87 -27.66
C ALA A 161 25.31 14.58 -27.44
N ALA A 162 25.68 14.32 -26.18
CA ALA A 162 26.41 13.09 -25.85
C ALA A 162 25.44 11.92 -25.82
N GLY A 163 25.64 10.95 -26.73
CA GLY A 163 24.84 9.74 -26.82
C GLY A 163 23.35 10.04 -26.96
N ALA A 164 22.55 9.15 -26.39
CA ALA A 164 21.10 9.28 -26.40
C ALA A 164 20.51 8.77 -25.10
N VAL A 165 20.07 7.51 -25.08
CA VAL A 165 19.71 6.80 -23.85
C VAL A 165 20.08 5.33 -24.06
N GLU A 166 20.97 4.81 -23.23
CA GLU A 166 21.46 3.45 -23.37
C GLU A 166 20.78 2.55 -22.34
N ILE A 167 20.06 1.54 -22.82
CA ILE A 167 19.41 0.55 -21.97
C ILE A 167 20.21 -0.73 -22.10
N SER A 168 21.02 -1.03 -21.09
CA SER A 168 21.89 -2.19 -21.10
C SER A 168 21.28 -3.34 -20.31
N PHE A 169 21.59 -4.56 -20.72
CA PHE A 169 21.20 -5.76 -20.01
C PHE A 169 22.44 -6.61 -19.78
N ALA A 170 22.54 -7.21 -18.59
CA ALA A 170 23.72 -7.99 -18.20
C ALA A 170 23.26 -9.17 -17.36
N THR A 171 23.15 -10.34 -17.99
CA THR A 171 22.87 -11.59 -17.30
C THR A 171 24.12 -12.46 -17.27
N GLU A 172 24.17 -13.37 -16.32
CA GLU A 172 25.33 -14.23 -16.16
C GLU A 172 25.46 -15.18 -17.35
N GLY A 173 26.63 -15.22 -17.95
CA GLY A 173 26.87 -16.05 -19.11
C GLY A 173 27.03 -15.23 -20.38
N LYS A 174 25.91 -14.79 -20.95
CA LYS A 174 25.96 -13.97 -22.16
C LYS A 174 26.53 -12.60 -21.86
N ASP A 175 26.86 -11.87 -22.93
CA ASP A 175 27.49 -10.57 -22.80
C ASP A 175 26.43 -9.48 -22.60
N ALA A 176 26.89 -8.23 -22.49
CA ALA A 176 26.01 -7.10 -22.21
C ALA A 176 25.20 -6.76 -23.45
N ALA A 177 23.90 -7.04 -23.43
CA ALA A 177 23.01 -6.66 -24.51
C ALA A 177 22.52 -5.23 -24.28
N LYS A 178 22.82 -4.35 -25.23
CA LYS A 178 22.52 -2.94 -25.11
C LYS A 178 21.55 -2.51 -26.21
N MET A 179 20.82 -1.43 -25.94
CA MET A 179 19.89 -0.86 -26.90
C MET A 179 19.81 0.65 -26.70
N LYS A 180 19.75 1.38 -27.80
CA LYS A 180 19.70 2.83 -27.79
C LYS A 180 18.30 3.33 -28.13
N VAL A 181 17.85 4.35 -27.40
CA VAL A 181 16.62 5.06 -27.72
C VAL A 181 16.91 6.55 -27.74
N GLU A 182 16.32 7.25 -28.70
CA GLU A 182 16.55 8.68 -28.87
C GLU A 182 15.28 9.51 -28.79
N ASN A 183 14.10 8.90 -28.91
CA ASN A 183 12.85 9.63 -28.70
C ASN A 183 12.79 10.10 -27.26
N GLU A 184 13.16 11.36 -27.02
CA GLU A 184 13.31 11.88 -25.67
C GLU A 184 12.00 11.92 -24.89
N ASN A 185 10.85 11.79 -25.55
CA ASN A 185 9.59 11.71 -24.82
C ASN A 185 9.53 10.44 -23.97
N VAL A 186 9.80 9.29 -24.58
CA VAL A 186 9.80 8.03 -23.85
C VAL A 186 10.93 8.00 -22.83
N ALA A 187 12.05 8.65 -23.14
CA ALA A 187 13.21 8.64 -22.23
C ALA A 187 12.86 9.30 -20.90
N ARG A 188 12.40 10.55 -20.93
CA ARG A 188 12.09 11.27 -19.72
C ARG A 188 10.77 10.84 -19.08
N MET A 189 10.06 9.88 -19.67
CA MET A 189 8.96 9.22 -18.98
C MET A 189 9.42 7.98 -18.23
N ILE A 190 10.38 7.25 -18.79
CA ILE A 190 11.07 6.21 -18.03
C ILE A 190 11.76 6.83 -16.82
N GLN A 191 12.32 8.02 -17.00
CA GLN A 191 12.93 8.75 -15.89
C GLN A 191 11.91 9.09 -14.82
N LYS A 192 10.70 9.51 -15.23
CA LYS A 192 9.65 9.78 -14.26
C LYS A 192 9.16 8.50 -13.59
N TRP A 193 9.29 7.36 -14.27
CA TRP A 193 8.83 6.10 -13.70
C TRP A 193 9.64 5.70 -12.48
N TYR A 194 10.92 6.05 -12.45
CA TYR A 194 11.79 5.70 -11.33
C TYR A 194 12.05 6.85 -10.38
N LEU A 195 12.05 8.08 -10.87
CA LEU A 195 12.35 9.25 -10.06
C LEU A 195 11.12 10.07 -9.70
N GLY A 196 9.92 9.62 -10.06
CA GLY A 196 8.71 10.34 -9.70
C GLY A 196 8.50 10.39 -8.20
N GLY A 197 7.57 11.25 -7.81
CA GLY A 197 7.22 11.37 -6.40
C GLY A 197 6.34 10.24 -5.93
N ASP A 198 5.08 10.54 -5.61
CA ASP A 198 4.10 9.53 -5.22
C ASP A 198 3.74 8.58 -6.35
N SER A 199 4.27 8.80 -7.55
CA SER A 199 3.92 8.00 -8.72
C SER A 199 5.00 7.01 -9.13
N ALA A 200 6.18 7.06 -8.53
CA ALA A 200 7.27 6.18 -8.92
C ALA A 200 6.92 4.73 -8.61
N VAL A 201 7.65 3.82 -9.26
CA VAL A 201 7.40 2.40 -9.08
C VAL A 201 8.00 1.87 -7.78
N SER A 202 9.03 2.53 -7.25
CA SER A 202 9.69 2.11 -6.01
C SER A 202 9.72 3.28 -5.03
N PRO A 203 8.71 3.39 -4.16
CA PRO A 203 8.77 4.44 -3.13
C PRO A 203 9.93 4.27 -2.17
N THR A 204 10.38 3.03 -1.94
CA THR A 204 11.54 2.81 -1.08
C THR A 204 12.78 3.50 -1.66
N THR A 205 12.91 3.49 -2.98
CA THR A 205 14.00 4.23 -3.61
C THR A 205 13.80 5.74 -3.49
N VAL A 206 12.54 6.18 -3.49
CA VAL A 206 12.25 7.61 -3.39
C VAL A 206 12.62 8.13 -2.01
N ARG A 207 12.30 7.37 -0.96
CA ARG A 207 12.65 7.79 0.39
C ARG A 207 14.16 7.89 0.58
N SER A 208 14.92 7.07 -0.15
CA SER A 208 16.37 7.13 -0.02
C SER A 208 16.93 8.40 -0.66
N MET A 209 16.40 8.80 -1.82
CA MET A 209 16.81 10.06 -2.42
C MET A 209 16.44 11.24 -1.55
N ALA A 210 15.28 11.18 -0.89
CA ALA A 210 14.85 12.28 -0.04
C ALA A 210 15.83 12.50 1.10
N ASP A 211 16.25 11.42 1.77
CA ASP A 211 17.21 11.55 2.86
C ASP A 211 18.58 11.99 2.36
N ARG A 212 18.94 11.62 1.13
CA ARG A 212 20.24 11.99 0.59
C ARG A 212 20.25 13.45 0.14
N PHE A 213 19.28 13.83 -0.70
CA PHE A 213 19.24 15.21 -1.19
C PHE A 213 19.01 16.21 -0.05
N ALA A 214 18.30 15.79 0.97
CA ALA A 214 18.01 16.68 2.11
C ALA A 214 19.30 17.01 2.83
N ALA A 215 20.35 16.24 2.59
CA ALA A 215 21.64 16.45 3.26
C ALA A 215 22.44 17.48 2.48
N LEU A 216 22.76 17.17 1.22
CA LEU A 216 23.47 18.13 0.36
C LEU A 216 22.70 19.45 0.39
N LEU A 217 21.40 19.40 0.15
CA LEU A 217 20.56 20.62 0.09
C LEU A 217 20.35 21.17 1.50
N SER A 218 21.32 20.99 2.40
CA SER A 218 21.25 21.57 3.76
C SER A 218 22.57 22.26 4.08
N ALA A 219 23.65 21.83 3.43
CA ALA A 219 24.96 22.49 3.62
C ALA A 219 25.39 23.18 2.32
N THR B 7 -5.40 -6.15 29.96
CA THR B 7 -5.42 -4.93 29.17
C THR B 7 -4.31 -4.92 28.12
N VAL B 8 -4.60 -4.34 26.97
CA VAL B 8 -3.65 -4.25 25.86
C VAL B 8 -3.75 -2.85 25.26
N THR B 9 -2.60 -2.24 24.98
CA THR B 9 -2.52 -0.87 24.49
C THR B 9 -2.20 -0.85 23.01
N VAL B 10 -2.97 -0.07 22.25
CA VAL B 10 -2.76 0.11 20.81
C VAL B 10 -2.61 1.61 20.57
N GLU B 11 -1.41 2.04 20.20
CA GLU B 11 -1.09 3.45 20.04
C GLU B 11 -1.38 4.23 21.33
N GLY B 12 -1.09 3.61 22.47
CA GLY B 12 -1.36 4.20 23.75
C GLY B 12 -2.79 4.11 24.22
N ILE B 13 -3.70 3.59 23.39
CA ILE B 13 -5.11 3.47 23.73
C ILE B 13 -5.33 2.11 24.39
N PRO B 14 -5.75 2.05 25.65
CA PRO B 14 -5.96 0.75 26.29
C PRO B 14 -7.15 0.02 25.72
N PHE B 15 -7.01 -1.29 25.56
CA PHE B 15 -8.07 -2.16 25.10
C PHE B 15 -8.27 -3.29 26.11
N PRO B 16 -9.48 -3.51 26.58
CA PRO B 16 -9.70 -4.60 27.57
C PRO B 16 -9.48 -5.96 26.94
N ALA B 17 -8.94 -6.88 27.74
CA ALA B 17 -8.73 -8.25 27.26
C ALA B 17 -10.05 -8.98 27.06
N GLU B 18 -11.10 -8.57 27.77
CA GLU B 18 -12.42 -9.18 27.64
C GLU B 18 -13.46 -8.12 27.97
N ILE B 19 -14.44 -7.98 27.08
CA ILE B 19 -15.53 -7.03 27.29
C ILE B 19 -16.76 -7.82 27.72
N THR B 20 -16.82 -8.17 29.00
CA THR B 20 -17.95 -8.93 29.53
C THR B 20 -19.13 -7.98 29.75
N PHE B 21 -20.15 -8.44 30.48
CA PHE B 21 -21.32 -7.65 30.85
C PHE B 21 -22.16 -7.28 29.62
N THR B 22 -21.68 -7.61 28.43
CA THR B 22 -22.39 -7.30 27.19
C THR B 22 -23.69 -8.09 27.08
N PRO B 27 -22.38 -12.96 28.62
CA PRO B 27 -21.44 -13.20 27.53
C PRO B 27 -20.02 -13.34 28.01
N ALA B 28 -19.06 -13.26 27.07
CA ALA B 28 -17.64 -13.32 27.38
C ALA B 28 -16.82 -13.12 26.11
N VAL B 29 -17.03 -12.01 25.40
CA VAL B 29 -16.28 -11.77 24.17
C VAL B 29 -14.83 -11.46 24.51
N SER B 30 -13.91 -12.09 23.78
CA SER B 30 -12.48 -11.97 24.04
C SER B 30 -11.80 -11.32 22.85
N LEU B 31 -10.75 -10.54 23.15
CA LEU B 31 -10.01 -9.85 22.11
C LEU B 31 -9.21 -10.85 21.29
N VAL B 32 -9.48 -10.90 19.98
CA VAL B 32 -8.75 -11.79 19.08
C VAL B 32 -7.90 -11.02 18.07
N GLY B 33 -8.26 -9.77 17.75
CA GLY B 33 -7.48 -8.98 16.82
C GLY B 33 -7.36 -7.51 17.19
N ASN B 34 -6.19 -6.93 16.99
CA ASN B 34 -5.93 -5.54 17.30
C ASN B 34 -5.18 -4.88 16.15
N GLY B 35 -5.53 -3.63 15.87
CA GLY B 35 -4.88 -2.92 14.78
C GLY B 35 -5.38 -1.49 14.70
N ILE B 36 -4.99 -0.83 13.62
CA ILE B 36 -5.32 0.57 13.38
C ILE B 36 -5.82 0.75 11.96
N THR B 37 -6.62 1.80 11.75
CA THR B 37 -7.00 2.26 10.42
C THR B 37 -6.07 3.39 10.04
N ASP B 38 -5.35 3.24 8.92
CA ASP B 38 -4.35 4.20 8.52
C ASP B 38 -4.45 4.47 7.03
N ILE B 39 -3.64 5.43 6.56
CA ILE B 39 -3.51 5.73 5.15
C ILE B 39 -2.19 6.45 4.97
N GLU B 40 -1.62 6.34 3.77
CA GLU B 40 -0.38 7.03 3.44
C GLU B 40 -0.66 8.04 2.34
N ILE B 41 -0.61 9.32 2.69
CA ILE B 41 -0.79 10.41 1.74
C ILE B 41 0.53 11.17 1.67
N HIS B 42 1.18 11.08 0.50
CA HIS B 42 2.48 11.71 0.26
C HIS B 42 3.50 11.27 1.30
N PHE B 43 3.68 9.95 1.40
CA PHE B 43 4.68 9.33 2.26
C PHE B 43 4.45 9.60 3.74
N LEU B 44 3.22 9.92 4.14
CA LEU B 44 2.90 10.27 5.51
C LEU B 44 1.79 9.37 6.03
N GLN B 45 2.04 8.72 7.17
CA GLN B 45 1.03 7.87 7.79
C GLN B 45 0.04 8.72 8.57
N ILE B 46 -1.25 8.48 8.33
CA ILE B 46 -2.33 9.15 9.05
C ILE B 46 -3.10 8.07 9.79
N LYS B 47 -2.85 7.93 11.08
CA LYS B 47 -3.53 6.93 11.90
C LYS B 47 -4.88 7.49 12.34
N TYR B 48 -5.95 6.91 11.83
CA TYR B 48 -7.30 7.40 12.08
C TYR B 48 -7.93 6.76 13.31
N ASN B 49 -7.94 5.44 13.37
CA ASN B 49 -8.67 4.70 14.38
C ASN B 49 -7.76 3.71 15.08
N ALA B 50 -8.31 3.05 16.10
CA ALA B 50 -7.70 1.91 16.76
C ALA B 50 -8.79 0.87 16.97
N ILE B 51 -8.61 -0.30 16.36
CA ILE B 51 -9.66 -1.31 16.28
C ILE B 51 -9.31 -2.50 17.18
N GLY B 52 -10.32 -3.02 17.86
CA GLY B 52 -10.21 -4.25 18.61
C GLY B 52 -11.37 -5.18 18.32
N ILE B 53 -11.08 -6.36 17.80
CA ILE B 53 -12.10 -7.33 17.44
C ILE B 53 -12.30 -8.29 18.61
N TYR B 54 -13.52 -8.39 19.10
CA TYR B 54 -13.87 -9.26 20.21
C TYR B 54 -14.79 -10.37 19.73
N LEU B 55 -14.56 -11.58 20.25
CA LEU B 55 -15.32 -12.75 19.83
C LEU B 55 -15.51 -13.67 21.04
N HIS B 56 -16.61 -14.41 21.04
CA HIS B 56 -16.87 -15.41 22.07
C HIS B 56 -16.29 -16.74 21.63
N SER B 57 -15.42 -17.30 22.47
CA SER B 57 -14.65 -18.50 22.11
C SER B 57 -15.38 -19.78 22.53
N ASN B 58 -16.60 -19.93 22.03
CA ASN B 58 -17.33 -21.17 22.23
C ASN B 58 -16.87 -22.21 21.22
N ASP B 59 -17.25 -23.47 21.47
CA ASP B 59 -16.90 -24.54 20.56
C ASP B 59 -17.56 -24.38 19.19
N VAL B 60 -18.58 -23.53 19.08
CA VAL B 60 -19.16 -23.22 17.78
C VAL B 60 -18.10 -22.64 16.85
N LEU B 61 -17.28 -21.72 17.37
CA LEU B 61 -16.22 -21.11 16.58
C LEU B 61 -15.17 -22.14 16.18
N LEU B 62 -14.70 -22.93 17.14
CA LEU B 62 -13.70 -23.95 16.84
C LEU B 62 -14.27 -25.04 15.93
N ASP B 63 -15.59 -25.18 15.85
CA ASP B 63 -16.18 -26.13 14.91
C ASP B 63 -16.27 -25.53 13.51
N HIS B 64 -16.79 -24.30 13.41
CA HIS B 64 -16.89 -23.64 12.11
C HIS B 64 -15.53 -23.29 11.53
N LEU B 65 -14.46 -23.32 12.34
CA LEU B 65 -13.11 -23.05 11.89
C LEU B 65 -12.20 -24.27 11.98
N HIS B 66 -12.78 -25.46 12.16
CA HIS B 66 -11.96 -26.66 12.32
C HIS B 66 -11.27 -27.06 11.02
N GLY B 67 -11.88 -26.77 9.87
CA GLY B 67 -11.26 -27.07 8.59
C GLY B 67 -9.98 -26.31 8.33
N TRP B 68 -9.65 -25.32 9.17
CA TRP B 68 -8.42 -24.55 9.07
C TRP B 68 -7.48 -24.82 10.23
N LYS B 69 -7.63 -25.96 10.89
CA LYS B 69 -6.81 -26.28 12.05
C LYS B 69 -5.42 -26.70 11.61
N GLY B 70 -4.41 -26.33 12.42
CA GLY B 70 -3.04 -26.65 12.12
C GLY B 70 -2.38 -25.73 11.11
N LYS B 71 -3.13 -24.85 10.45
CA LYS B 71 -2.55 -23.93 9.49
C LYS B 71 -1.79 -22.83 10.21
N SER B 72 -1.00 -22.09 9.43
CA SER B 72 -0.18 -21.00 9.94
C SER B 72 -0.89 -19.67 9.76
N ALA B 73 -0.36 -18.64 10.43
CA ALA B 73 -0.90 -17.30 10.25
C ALA B 73 -0.76 -16.84 8.82
N ASP B 74 0.35 -17.20 8.17
CA ASP B 74 0.55 -16.87 6.76
C ASP B 74 -0.40 -17.65 5.86
N GLU B 75 -0.79 -18.86 6.30
CA GLU B 75 -1.73 -19.66 5.52
C GLU B 75 -3.16 -19.15 5.72
N LEU B 76 -3.49 -18.69 6.93
CA LEU B 76 -4.81 -18.10 7.16
C LEU B 76 -4.93 -16.76 6.45
N LEU B 77 -3.84 -15.98 6.40
CA LEU B 77 -3.90 -14.65 5.82
C LEU B 77 -4.19 -14.71 4.32
N GLY B 78 -3.50 -15.59 3.60
CA GLY B 78 -3.75 -15.75 2.18
C GLY B 78 -5.04 -16.48 1.85
N ASP B 79 -5.68 -17.10 2.85
CA ASP B 79 -6.93 -17.82 2.66
C ASP B 79 -8.08 -16.87 3.00
N ASP B 80 -8.57 -16.16 1.99
CA ASP B 80 -9.69 -15.25 2.19
C ASP B 80 -10.99 -16.00 2.51
N SER B 81 -11.02 -17.32 2.37
CA SER B 81 -12.19 -18.09 2.75
C SER B 81 -12.25 -18.32 4.25
N PHE B 82 -11.10 -18.34 4.93
CA PHE B 82 -11.10 -18.48 6.38
C PHE B 82 -11.76 -17.28 7.05
N PHE B 83 -11.57 -16.09 6.48
CA PHE B 83 -12.18 -14.89 7.06
C PHE B 83 -13.66 -14.78 6.70
N GLN B 84 -14.08 -15.36 5.59
CA GLN B 84 -15.51 -15.41 5.28
C GLN B 84 -16.21 -16.40 6.21
N ALA B 85 -15.58 -17.53 6.50
CA ALA B 85 -16.13 -18.45 7.49
C ALA B 85 -16.12 -17.83 8.89
N LEU B 86 -15.16 -16.95 9.15
CA LEU B 86 -15.15 -16.23 10.42
C LEU B 86 -16.30 -15.24 10.49
N VAL B 87 -16.61 -14.59 9.37
CA VAL B 87 -17.77 -13.69 9.32
C VAL B 87 -19.05 -14.48 9.50
N ALA B 88 -19.13 -15.67 8.91
CA ALA B 88 -20.33 -16.50 8.95
C ALA B 88 -20.40 -17.39 10.18
N ALA B 89 -19.71 -17.02 11.26
CA ALA B 89 -19.80 -17.81 12.49
C ALA B 89 -20.95 -17.28 13.34
N PRO B 90 -21.81 -18.15 13.87
CA PRO B 90 -22.91 -17.69 14.75
C PRO B 90 -22.44 -17.51 16.20
N VAL B 91 -21.73 -16.41 16.42
CA VAL B 91 -21.08 -16.12 17.69
C VAL B 91 -21.18 -14.62 17.95
N GLU B 92 -21.36 -14.24 19.23
CA GLU B 92 -21.39 -12.84 19.58
C GLU B 92 -20.08 -12.15 19.21
N LYS B 93 -20.19 -11.06 18.46
CA LYS B 93 -19.03 -10.30 17.99
C LYS B 93 -19.12 -8.86 18.50
N LEU B 94 -17.96 -8.22 18.62
CA LEU B 94 -17.90 -6.83 19.07
C LEU B 94 -16.73 -6.14 18.40
N PHE B 95 -17.00 -5.03 17.72
CA PHE B 95 -15.98 -4.21 17.10
C PHE B 95 -15.85 -2.92 17.91
N ARG B 96 -14.65 -2.68 18.45
CA ARG B 96 -14.38 -1.49 19.26
C ARG B 96 -13.41 -0.60 18.48
N VAL B 97 -13.93 0.49 17.92
CA VAL B 97 -13.14 1.45 17.16
C VAL B 97 -13.00 2.71 17.99
N VAL B 98 -11.76 3.05 18.36
CA VAL B 98 -11.47 4.26 19.12
C VAL B 98 -10.86 5.29 18.18
N VAL B 99 -11.42 6.50 18.19
CA VAL B 99 -10.96 7.55 17.30
C VAL B 99 -9.63 8.09 17.78
N ILE B 100 -8.69 8.26 16.86
CA ILE B 100 -7.40 8.86 17.15
C ILE B 100 -7.32 10.28 16.61
N LYS B 101 -7.76 10.49 15.38
CA LYS B 101 -7.66 11.78 14.72
C LYS B 101 -9.04 12.41 14.57
N GLU B 102 -9.14 13.70 14.87
CA GLU B 102 -10.40 14.42 14.79
C GLU B 102 -10.94 14.44 13.36
N ILE B 103 -12.13 13.87 13.18
CA ILE B 103 -12.78 13.85 11.87
C ILE B 103 -14.27 14.11 12.07
N LYS B 104 -14.90 14.68 11.05
CA LYS B 104 -16.35 14.79 11.05
C LYS B 104 -16.97 13.39 10.99
N GLY B 105 -18.02 13.19 11.78
CA GLY B 105 -18.69 11.90 11.79
C GLY B 105 -19.24 11.50 10.43
N SER B 106 -19.54 12.49 9.59
CA SER B 106 -20.03 12.19 8.24
C SER B 106 -18.94 11.57 7.39
N GLN B 107 -17.70 12.03 7.55
CA GLN B 107 -16.57 11.44 6.81
C GLN B 107 -16.49 9.93 7.02
N TYR B 108 -16.67 9.48 8.26
CA TYR B 108 -16.72 8.04 8.50
C TYR B 108 -18.01 7.43 7.98
N GLY B 109 -19.11 8.21 7.96
CA GLY B 109 -20.36 7.67 7.46
C GLY B 109 -20.30 7.39 5.97
N VAL B 110 -19.74 8.33 5.19
CA VAL B 110 -19.64 8.14 3.76
C VAL B 110 -18.67 7.01 3.42
N GLN B 111 -17.69 6.76 4.28
CA GLN B 111 -16.79 5.63 4.04
C GLN B 111 -17.47 4.31 4.39
N LEU B 112 -18.31 4.30 5.42
CA LEU B 112 -19.07 3.09 5.74
C LEU B 112 -20.10 2.78 4.66
N GLU B 113 -20.80 3.80 4.18
CA GLU B 113 -21.80 3.59 3.13
C GLU B 113 -21.16 3.07 1.85
N SER B 114 -20.14 3.78 1.35
CA SER B 114 -19.54 3.42 0.08
C SER B 114 -18.93 2.03 0.13
N SER B 115 -18.34 1.66 1.26
CA SER B 115 -17.73 0.34 1.37
C SER B 115 -18.79 -0.76 1.41
N VAL B 116 -19.85 -0.56 2.20
CA VAL B 116 -20.90 -1.57 2.29
C VAL B 116 -21.70 -1.62 0.99
N ARG B 117 -21.96 -0.46 0.39
CA ARG B 117 -22.72 -0.44 -0.87
C ARG B 117 -21.99 -1.21 -1.96
N ASP B 118 -20.67 -1.05 -2.06
CA ASP B 118 -19.91 -1.79 -3.07
C ASP B 118 -19.98 -3.29 -2.80
N ARG B 119 -19.82 -3.71 -1.55
CA ARG B 119 -19.95 -5.12 -1.22
C ARG B 119 -21.37 -5.63 -1.45
N LEU B 120 -22.36 -4.75 -1.32
CA LEU B 120 -23.74 -5.15 -1.57
C LEU B 120 -24.01 -5.31 -3.06
N VAL B 121 -23.49 -4.40 -3.89
CA VAL B 121 -23.67 -4.50 -5.33
C VAL B 121 -22.95 -5.72 -5.88
N ALA B 122 -21.80 -6.08 -5.30
CA ALA B 122 -21.04 -7.22 -5.79
C ALA B 122 -21.84 -8.51 -5.71
N ALA B 123 -22.59 -8.70 -4.62
CA ALA B 123 -23.43 -9.86 -4.45
C ALA B 123 -24.86 -9.66 -4.92
N ASP B 124 -25.12 -8.56 -5.64
CA ASP B 124 -26.43 -8.18 -6.18
C ASP B 124 -27.43 -7.86 -5.06
N LYS B 125 -27.01 -7.92 -3.80
CA LYS B 125 -27.91 -7.71 -2.66
C LYS B 125 -28.10 -6.25 -2.32
N TYR B 126 -28.40 -5.41 -3.32
CA TYR B 126 -28.65 -3.99 -3.10
C TYR B 126 -30.00 -3.63 -3.70
N ASP B 127 -30.99 -3.38 -2.83
CA ASP B 127 -32.30 -2.91 -3.26
C ASP B 127 -32.71 -1.69 -2.45
N ASP B 128 -33.97 -1.64 -2.01
CA ASP B 128 -34.44 -0.53 -1.19
C ASP B 128 -34.36 -0.84 0.30
N ASP B 129 -34.53 -2.11 0.69
CA ASP B 129 -34.40 -2.46 2.10
C ASP B 129 -32.98 -2.19 2.60
N GLU B 130 -31.98 -2.47 1.77
CA GLU B 130 -30.59 -2.19 2.15
C GLU B 130 -30.29 -0.69 2.07
N GLU B 131 -30.95 0.02 1.16
CA GLU B 131 -30.68 1.43 0.97
C GLU B 131 -31.11 2.25 2.19
N GLU B 132 -32.31 1.97 2.71
CA GLU B 132 -32.79 2.71 3.88
C GLU B 132 -31.97 2.36 5.11
N ALA B 133 -31.66 1.08 5.32
CA ALA B 133 -30.81 0.68 6.44
C ALA B 133 -29.45 1.35 6.36
N LEU B 134 -28.97 1.61 5.15
CA LEU B 134 -27.73 2.37 4.98
C LEU B 134 -27.94 3.86 5.23
N GLU B 135 -29.13 4.37 4.90
CA GLU B 135 -29.43 5.77 5.19
C GLU B 135 -29.57 6.03 6.68
N LYS B 136 -30.15 5.07 7.41
CA LYS B 136 -30.26 5.21 8.86
C LYS B 136 -28.90 5.23 9.53
N ILE B 137 -27.88 4.65 8.89
CA ILE B 137 -26.54 4.65 9.47
C ILE B 137 -25.82 5.96 9.17
N THR B 138 -25.92 6.45 7.93
CA THR B 138 -25.25 7.69 7.56
C THR B 138 -25.80 8.87 8.35
N ASP B 139 -27.13 8.91 8.55
CA ASP B 139 -27.72 9.97 9.35
C ASP B 139 -27.31 9.88 10.81
N PHE B 140 -26.99 8.67 11.29
CA PHE B 140 -26.60 8.49 12.67
C PHE B 140 -25.24 9.13 12.94
N PHE B 141 -24.33 9.08 11.97
CA PHE B 141 -22.96 9.55 12.17
C PHE B 141 -22.77 11.02 11.80
N GLN B 142 -23.53 11.54 10.84
CA GLN B 142 -23.35 12.92 10.41
C GLN B 142 -23.69 13.92 11.51
N ALA B 143 -24.39 13.50 12.57
CA ALA B 143 -24.72 14.41 13.65
C ALA B 143 -23.60 14.53 14.67
N LYS B 144 -22.78 13.49 14.82
CA LYS B 144 -21.73 13.46 15.83
C LYS B 144 -20.38 13.85 15.23
N TYR B 145 -19.48 14.27 16.13
CA TYR B 145 -18.15 14.72 15.76
C TYR B 145 -17.14 13.87 16.53
N PHE B 146 -16.16 13.32 15.82
CA PHE B 146 -15.23 12.34 16.41
C PHE B 146 -14.08 13.07 17.08
N LYS B 147 -14.15 13.18 18.40
CA LYS B 147 -13.04 13.71 19.19
C LYS B 147 -12.08 12.60 19.57
N PRO B 148 -10.79 12.91 19.78
CA PRO B 148 -9.80 11.86 20.07
C PRO B 148 -10.11 11.14 21.38
N GLY B 149 -10.97 10.13 21.30
CA GLY B 149 -11.40 9.38 22.46
C GLY B 149 -12.75 8.72 22.24
N SER B 150 -13.51 9.25 21.29
CA SER B 150 -14.81 8.67 20.95
C SER B 150 -14.65 7.21 20.54
N VAL B 151 -15.64 6.40 20.89
CA VAL B 151 -15.59 4.95 20.70
C VAL B 151 -16.86 4.52 19.98
N ILE B 152 -16.73 4.16 18.71
CA ILE B 152 -17.80 3.47 18.00
C ILE B 152 -17.76 1.99 18.36
N THR B 153 -18.92 1.39 18.58
CA THR B 153 -19.02 0.01 19.02
C THR B 153 -20.05 -0.72 18.17
N PHE B 154 -19.63 -1.79 17.50
CA PHE B 154 -20.52 -2.66 16.75
C PHE B 154 -20.75 -3.93 17.54
N HIS B 155 -22.00 -4.21 17.87
CA HIS B 155 -22.37 -5.42 18.62
C HIS B 155 -23.11 -6.37 17.67
N PHE B 156 -22.51 -7.52 17.41
CA PHE B 156 -23.12 -8.56 16.58
C PHE B 156 -23.48 -9.75 17.46
N PRO B 157 -24.74 -9.92 17.81
CA PRO B 157 -25.13 -11.11 18.60
C PRO B 157 -24.95 -12.39 17.82
N ALA B 158 -25.02 -13.51 18.54
CA ALA B 158 -24.73 -14.81 17.93
C ALA B 158 -25.79 -15.20 16.91
N THR B 159 -27.07 -14.96 17.23
CA THR B 159 -28.17 -15.35 16.36
C THR B 159 -29.10 -14.17 16.16
N SER B 160 -29.93 -14.25 15.11
CA SER B 160 -30.89 -13.20 14.83
C SER B 160 -31.99 -13.13 15.88
N ALA B 161 -32.16 -14.18 16.69
CA ALA B 161 -33.15 -14.14 17.76
C ALA B 161 -32.79 -13.10 18.81
N ALA B 162 -31.57 -13.17 19.32
CA ALA B 162 -31.13 -12.20 20.34
C ALA B 162 -30.76 -10.90 19.67
N GLY B 163 -31.50 -9.82 20.00
CA GLY B 163 -31.27 -8.49 19.48
C GLY B 163 -31.25 -8.45 17.96
N ALA B 164 -30.42 -7.55 17.43
CA ALA B 164 -30.26 -7.39 16.00
C ALA B 164 -28.80 -7.07 15.67
N VAL B 165 -28.49 -5.79 15.52
CA VAL B 165 -27.12 -5.29 15.46
C VAL B 165 -27.10 -3.91 16.11
N GLU B 166 -26.30 -3.75 17.16
CA GLU B 166 -26.25 -2.51 17.92
C GLU B 166 -24.99 -1.74 17.57
N ILE B 167 -25.17 -0.53 17.05
CA ILE B 167 -24.06 0.36 16.74
C ILE B 167 -24.08 1.47 17.78
N SER B 168 -23.16 1.39 18.73
CA SER B 168 -23.10 2.34 19.84
C SER B 168 -22.01 3.38 19.59
N PHE B 169 -22.27 4.60 20.07
CA PHE B 169 -21.30 5.68 20.04
C PHE B 169 -21.10 6.21 21.45
N ALA B 170 -19.85 6.47 21.81
CA ALA B 170 -19.51 6.92 23.17
C ALA B 170 -18.41 7.97 23.07
N THR B 171 -18.79 9.23 23.18
CA THR B 171 -17.85 10.35 23.26
C THR B 171 -17.86 10.92 24.66
N GLU B 172 -16.75 11.58 25.02
CA GLU B 172 -16.61 12.15 26.35
C GLU B 172 -17.62 13.27 26.55
N GLY B 173 -18.33 13.23 27.68
CA GLY B 173 -19.35 14.22 27.95
C GLY B 173 -20.76 13.67 27.81
N LYS B 174 -21.23 13.57 26.56
CA LYS B 174 -22.56 13.05 26.30
C LYS B 174 -22.61 11.54 26.58
N ASP B 175 -23.82 11.01 26.61
CA ASP B 175 -24.04 9.62 26.95
C ASP B 175 -23.90 8.73 25.71
N ALA B 176 -24.10 7.43 25.89
CA ALA B 176 -23.89 6.47 24.82
C ALA B 176 -25.05 6.54 23.82
N ALA B 177 -24.77 7.06 22.63
CA ALA B 177 -25.76 7.10 21.57
C ALA B 177 -25.74 5.79 20.81
N LYS B 178 -26.88 5.09 20.79
CA LYS B 178 -26.98 3.77 20.20
C LYS B 178 -27.99 3.77 19.07
N MET B 179 -27.81 2.84 18.13
CA MET B 179 -28.71 2.67 17.01
C MET B 179 -28.78 1.20 16.64
N LYS B 180 -29.97 0.73 16.29
CA LYS B 180 -30.20 -0.66 15.93
C LYS B 180 -30.42 -0.78 14.43
N VAL B 181 -29.86 -1.83 13.84
CA VAL B 181 -30.12 -2.19 12.45
C VAL B 181 -30.46 -3.67 12.41
N GLU B 182 -31.44 -4.03 11.59
CA GLU B 182 -31.89 -5.41 11.48
C GLU B 182 -31.80 -5.97 10.06
N ASN B 183 -31.61 -5.13 9.05
CA ASN B 183 -31.37 -5.62 7.71
C ASN B 183 -30.04 -6.36 7.67
N GLU B 184 -30.10 -7.69 7.77
CA GLU B 184 -28.89 -8.50 7.92
C GLU B 184 -27.98 -8.47 6.71
N ASN B 185 -28.43 -7.92 5.58
CA ASN B 185 -27.54 -7.77 4.43
C ASN B 185 -26.48 -6.72 4.70
N VAL B 186 -26.90 -5.55 5.20
CA VAL B 186 -25.95 -4.49 5.54
C VAL B 186 -25.10 -4.91 6.75
N ALA B 187 -25.69 -5.68 7.68
CA ALA B 187 -24.98 -6.07 8.89
C ALA B 187 -23.75 -6.92 8.56
N ARG B 188 -23.95 -8.03 7.87
CA ARG B 188 -22.83 -8.91 7.53
C ARG B 188 -21.93 -8.36 6.43
N MET B 189 -22.26 -7.20 5.88
CA MET B 189 -21.31 -6.49 5.02
C MET B 189 -20.42 -5.56 5.82
N ILE B 190 -20.97 -4.93 6.87
CA ILE B 190 -20.13 -4.23 7.84
C ILE B 190 -19.17 -5.20 8.49
N GLN B 191 -19.62 -6.44 8.72
CA GLN B 191 -18.74 -7.48 9.25
C GLN B 191 -17.62 -7.80 8.27
N LYS B 192 -17.94 -7.88 6.98
CA LYS B 192 -16.91 -8.12 5.98
C LYS B 192 -15.97 -6.93 5.83
N TRP B 193 -16.45 -5.73 6.14
CA TRP B 193 -15.59 -4.55 6.04
C TRP B 193 -14.43 -4.61 7.02
N TYR B 194 -14.65 -5.20 8.19
CA TYR B 194 -13.62 -5.26 9.23
C TYR B 194 -12.94 -6.61 9.32
N LEU B 195 -13.65 -7.70 9.00
CA LEU B 195 -13.10 -9.04 9.11
C LEU B 195 -12.72 -9.65 7.77
N GLY B 196 -12.82 -8.92 6.69
CA GLY B 196 -12.42 -9.43 5.39
C GLY B 196 -10.96 -9.76 5.33
N GLY B 197 -10.58 -10.47 4.27
CA GLY B 197 -9.19 -10.83 4.05
C GLY B 197 -8.38 -9.68 3.51
N ASP B 198 -8.00 -9.77 2.23
CA ASP B 198 -7.29 -8.68 1.56
C ASP B 198 -8.17 -7.47 1.32
N SER B 199 -9.45 -7.53 1.67
CA SER B 199 -10.40 -6.46 1.39
C SER B 199 -10.79 -5.66 2.63
N ALA B 200 -10.35 -6.05 3.81
CA ALA B 200 -10.74 -5.34 5.03
C ALA B 200 -10.12 -3.94 5.05
N VAL B 201 -10.70 -3.09 5.89
CA VAL B 201 -10.25 -1.71 5.99
C VAL B 201 -8.98 -1.58 6.83
N SER B 202 -8.71 -2.53 7.71
CA SER B 202 -7.51 -2.52 8.56
C SER B 202 -6.77 -3.84 8.37
N PRO B 203 -5.77 -3.89 7.48
CA PRO B 203 -4.98 -5.11 7.36
C PRO B 203 -4.13 -5.41 8.59
N THR B 204 -3.74 -4.37 9.34
CA THR B 204 -3.04 -4.59 10.60
C THR B 204 -3.89 -5.42 11.55
N THR B 205 -5.18 -5.12 11.63
CA THR B 205 -6.07 -5.91 12.48
C THR B 205 -6.19 -7.33 11.96
N VAL B 206 -6.18 -7.52 10.64
CA VAL B 206 -6.33 -8.85 10.06
C VAL B 206 -5.12 -9.72 10.40
N ARG B 207 -3.91 -9.14 10.37
CA ARG B 207 -2.72 -9.90 10.74
C ARG B 207 -2.76 -10.33 12.20
N SER B 208 -3.36 -9.51 13.07
CA SER B 208 -3.46 -9.86 14.48
C SER B 208 -4.39 -11.05 14.68
N MET B 209 -5.51 -11.09 13.94
CA MET B 209 -6.40 -12.25 14.03
C MET B 209 -5.73 -13.50 13.51
N ALA B 210 -4.93 -13.40 12.46
CA ALA B 210 -4.36 -14.65 11.91
C ALA B 210 -3.38 -15.23 12.92
N ASP B 211 -2.63 -14.37 13.59
CA ASP B 211 -1.60 -14.83 14.55
C ASP B 211 -2.27 -15.49 15.75
N ARG B 212 -3.53 -15.13 16.02
CA ARG B 212 -4.25 -15.66 17.20
C ARG B 212 -5.06 -16.89 16.79
N PHE B 213 -5.81 -16.81 15.69
CA PHE B 213 -6.67 -17.95 15.29
C PHE B 213 -5.79 -19.16 14.96
N ALA B 214 -4.50 -18.94 14.74
CA ALA B 214 -3.59 -20.04 14.39
C ALA B 214 -3.05 -20.68 15.65
N ALA B 215 -3.13 -19.98 16.77
CA ALA B 215 -2.70 -20.55 18.05
C ALA B 215 -3.87 -21.37 18.56
N LEU B 216 -5.06 -20.83 18.40
CA LEU B 216 -6.27 -21.56 18.81
C LEU B 216 -6.45 -22.72 17.85
N LEU B 217 -6.57 -22.43 16.56
CA LEU B 217 -6.84 -23.49 15.57
C LEU B 217 -5.58 -24.35 15.44
N SER B 218 -4.84 -24.50 16.53
CA SER B 218 -3.63 -25.34 16.56
C SER B 218 -3.36 -25.57 18.04
N ALA B 219 -4.08 -26.50 18.66
CA ALA B 219 -3.97 -26.74 20.12
C ALA B 219 -4.84 -25.71 20.84
#